data_6H74
#
_entry.id   6H74
#
_cell.length_a   114.270
_cell.length_b   114.270
_cell.length_c   234.140
_cell.angle_alpha   90.00
_cell.angle_beta   90.00
_cell.angle_gamma   120.00
#
_symmetry.space_group_name_H-M   'P 63 2 2'
#
loop_
_entity.id
_entity.type
_entity.pdbx_description
1 polymer 'Molybdenum storage protein subunit beta'
2 polymer 'Molybdenum storage protein subunit alpha'
3 non-polymer "ADENOSINE-5'-TRIPHOSPHATE"
4 non-polymer 'Mo5 Cluster'
5 non-polymer pentakis(oxidanyl)molybdenum
6 non-polymer 'PHOSPHATE ION'
7 non-polymer 'MAGNESIUM ION'
8 non-polymer 'Mo8 cluster'
9 non-polymer 'MOLYBDATE ION'
10 water water
#
loop_
_entity_poly.entity_id
_entity_poly.type
_entity_poly.pdbx_seq_one_letter_code
_entity_poly.pdbx_strand_id
1 'polypeptide(L)'
;ANSTAELEELLMQRSLTDPQLQAAAAAAADFRILPDATVIKIGGQSVIDRGRAAVYPLVDEIVAARKNHKLLIGTGAGTR
ARHLYSIAAGLGLPAGVLAQLGSSVADQNAAMLGQLLAKHGIPVVGGAGHSAVPLSLAEVNAVVFSGMPPYKLWMRPAAE
GVIPPYRTDAGCFLLAEQFGCKQMIFVKDEDGLYTANPKTSKDATFIPRISVDEMKAKGLHDSILEFPVLDLLQSAQHVR
EVQVVNGLVPGNLTRALAGEHVGTIITAS
;
B
2 'polypeptide(L)'
;TDTTNSIKHVISPLARQTLQDRDLTRPVAGKRPIRLLPWLQVVKIGGRVMDRGADAILPLVEELRKLLPEHRLLILTGAG
VRARHVFSVGLDLGLPVGSLAPLAASEAGQNGHILAAMLASEGVSYVEHPTVADQLAIHLSATRAVVGSAFPPYHHHEFP
GSRIPPHRADTGAFLLADAFGAAGLTIVENVDGIYTADPNGPDRGQARFLPETSATDLAKSEGPLPVDRALLDVMATARH
IERVQVVNGLVPGRLTAALRGEHVGTLIRTGVRPA
;
A
#
loop_
_chem_comp.id
_chem_comp.type
_chem_comp.name
_chem_comp.formula
ATP non-polymer ADENOSINE-5'-TRIPHOSPHATE 'C10 H16 N5 O13 P3'
FUQ non-polymer 'Mo5 Cluster' 'H20 Mo5 O25'
GWN non-polymer 'Mo8 cluster' 'H15 Mo8 O28 7'
GWW non-polymer pentakis(oxidanyl)molybdenum 'H5 Mo O5'
MG non-polymer 'MAGNESIUM ION' 'Mg 2'
MOO non-polymer 'MOLYBDATE ION' 'Mo O4 -2'
PO4 non-polymer 'PHOSPHATE ION' 'O4 P -3'
#
# COMPACT_ATOMS: atom_id res chain seq x y z
N ASN A 2 26.60 13.57 4.69
CA ASN A 2 25.80 12.59 5.43
C ASN A 2 26.66 11.63 6.25
N SER A 3 26.00 10.85 7.10
CA SER A 3 26.65 9.80 7.87
C SER A 3 25.58 8.94 8.51
N THR A 4 25.94 7.68 8.78
CA THR A 4 25.02 6.79 9.48
C THR A 4 24.63 7.36 10.84
N ALA A 5 25.60 7.97 11.55
CA ALA A 5 25.33 8.53 12.87
C ALA A 5 24.31 9.66 12.80
N GLU A 6 24.43 10.55 11.82
CA GLU A 6 23.47 11.63 11.69
C GLU A 6 22.09 11.10 11.29
N LEU A 7 22.06 10.13 10.36
CA LEU A 7 20.80 9.49 10.01
C LEU A 7 20.15 8.85 11.22
N GLU A 8 20.93 8.12 12.04
CA GLU A 8 20.32 7.47 13.19
C GLU A 8 19.86 8.51 14.21
N GLU A 9 20.58 9.63 14.32
CA GLU A 9 20.15 10.71 15.19
C GLU A 9 18.78 11.23 14.78
N LEU A 10 18.62 11.54 13.49
CA LEU A 10 17.33 12.03 12.99
C LEU A 10 16.24 10.99 13.18
N LEU A 11 16.56 9.73 12.87
CA LEU A 11 15.58 8.64 12.99
C LEU A 11 15.05 8.53 14.41
N MET A 12 15.91 8.79 15.41
CA MET A 12 15.44 8.70 16.80
C MET A 12 14.65 9.93 17.23
N GLN A 13 15.03 11.12 16.77
CA GLN A 13 14.57 12.36 17.39
C GLN A 13 13.54 13.15 16.59
N ARG A 14 13.29 12.80 15.33
CA ARG A 14 12.35 13.55 14.53
C ARG A 14 11.15 12.68 14.19
N SER A 15 10.08 13.33 13.77
CA SER A 15 9.04 12.58 13.09
C SER A 15 9.59 12.05 11.78
N LEU A 16 9.10 10.88 11.35
CA LEU A 16 9.43 10.40 10.01
C LEU A 16 9.00 11.36 8.92
N THR A 17 8.05 12.26 9.21
CA THR A 17 7.63 13.30 8.27
C THR A 17 8.67 14.41 8.13
N ASP A 18 9.68 14.43 8.98
CA ASP A 18 10.59 15.57 9.01
C ASP A 18 11.42 15.60 7.73
N PRO A 19 11.40 16.69 6.97
CA PRO A 19 12.15 16.74 5.70
C PRO A 19 13.63 16.41 5.85
N GLN A 20 14.23 16.80 6.98
CA GLN A 20 15.63 16.52 7.21
C GLN A 20 15.88 15.01 7.34
N LEU A 21 15.00 14.31 8.06
CA LEU A 21 15.08 12.86 8.12
C LEU A 21 14.88 12.23 6.75
N GLN A 22 13.82 12.66 6.05
CA GLN A 22 13.54 12.14 4.72
C GLN A 22 14.76 12.27 3.82
N ALA A 23 15.44 13.41 3.88
CA ALA A 23 16.59 13.64 3.00
C ALA A 23 17.77 12.74 3.38
N ALA A 24 18.03 12.59 4.68
CA ALA A 24 19.13 11.73 5.11
C ALA A 24 18.86 10.28 4.71
N ALA A 25 17.62 9.83 4.85
CA ALA A 25 17.27 8.48 4.45
C ALA A 25 17.47 8.28 2.95
N ALA A 26 17.22 9.31 2.15
CA ALA A 26 17.40 9.21 0.70
C ALA A 26 18.85 8.97 0.30
N ALA A 27 19.82 9.29 1.16
CA ALA A 27 21.22 9.07 0.84
C ALA A 27 21.69 7.66 1.17
N ALA A 28 20.81 6.82 1.70
CA ALA A 28 21.19 5.46 2.05
C ALA A 28 21.61 4.69 0.81
N ALA A 29 22.51 3.72 1.00
CA ALA A 29 22.89 2.83 -0.09
C ALA A 29 21.66 2.10 -0.62
N ASP A 30 21.79 1.57 -1.83
CA ASP A 30 20.67 1.03 -2.59
C ASP A 30 20.96 -0.41 -2.97
N PHE A 31 20.34 -1.35 -2.28
CA PHE A 31 20.51 -2.78 -2.55
C PHE A 31 19.41 -3.28 -3.46
N ARG A 32 19.78 -3.99 -4.53
CA ARG A 32 18.82 -4.65 -5.40
C ARG A 32 18.72 -6.12 -5.00
N ILE A 33 17.50 -6.55 -4.68
CA ILE A 33 17.34 -7.88 -4.10
C ILE A 33 17.45 -8.96 -5.17
N LEU A 34 16.82 -8.77 -6.32
CA LEU A 34 16.86 -9.75 -7.42
C LEU A 34 17.26 -9.00 -8.68
N PRO A 35 18.50 -8.50 -8.75
CA PRO A 35 18.88 -7.59 -9.82
C PRO A 35 18.86 -8.22 -11.20
N ASP A 36 18.95 -9.54 -11.30
CA ASP A 36 19.07 -10.23 -12.57
C ASP A 36 17.75 -10.79 -13.07
N ALA A 37 16.66 -10.57 -12.33
CA ALA A 37 15.37 -11.12 -12.71
C ALA A 37 14.60 -10.12 -13.56
N THR A 38 13.73 -10.64 -14.40
CA THR A 38 12.81 -9.84 -15.17
C THR A 38 11.40 -10.14 -14.69
N VAL A 39 10.62 -9.10 -14.44
CA VAL A 39 9.21 -9.28 -14.11
C VAL A 39 8.38 -9.14 -15.38
N ILE A 40 7.49 -10.09 -15.60
CA ILE A 40 6.63 -10.13 -16.76
C ILE A 40 5.21 -10.16 -16.23
N LYS A 41 4.36 -9.30 -16.74
CA LYS A 41 2.95 -9.39 -16.39
C LYS A 41 2.20 -10.00 -17.56
N ILE A 42 1.47 -11.08 -17.31
CA ILE A 42 0.63 -11.72 -18.33
C ILE A 42 -0.79 -11.21 -18.16
N GLY A 43 -1.30 -10.49 -19.16
CA GLY A 43 -2.56 -9.79 -19.01
C GLY A 43 -3.71 -10.74 -18.75
N GLY A 44 -4.64 -10.33 -17.90
CA GLY A 44 -5.78 -11.18 -17.62
C GLY A 44 -6.74 -11.11 -18.79
N GLN A 45 -7.31 -9.92 -19.01
CA GLN A 45 -8.21 -9.75 -20.14
C GLN A 45 -7.49 -9.91 -21.46
N SER A 46 -6.25 -9.45 -21.54
CA SER A 46 -5.62 -9.41 -22.84
C SER A 46 -5.05 -10.78 -23.27
N VAL A 47 -4.75 -11.66 -22.32
CA VAL A 47 -4.13 -12.93 -22.66
C VAL A 47 -4.88 -14.11 -22.04
N ILE A 48 -4.89 -14.22 -20.72
CA ILE A 48 -5.34 -15.46 -20.10
C ILE A 48 -6.82 -15.72 -20.38
N ASP A 49 -7.66 -14.67 -20.34
CA ASP A 49 -9.07 -14.82 -20.71
C ASP A 49 -9.25 -15.34 -22.13
N ARG A 50 -8.24 -15.24 -23.00
CA ARG A 50 -8.40 -15.72 -24.35
C ARG A 50 -8.16 -17.21 -24.47
N GLY A 51 -7.71 -17.87 -23.41
CA GLY A 51 -7.60 -19.30 -23.43
C GLY A 51 -6.38 -19.77 -24.21
N ARG A 52 -6.50 -20.96 -24.76
CA ARG A 52 -5.36 -21.73 -25.24
C ARG A 52 -4.59 -21.02 -26.36
N ALA A 53 -5.30 -20.43 -27.32
CA ALA A 53 -4.60 -19.85 -28.46
C ALA A 53 -3.61 -18.78 -28.03
N ALA A 54 -3.91 -18.06 -26.95
CA ALA A 54 -3.00 -17.07 -26.40
C ALA A 54 -2.04 -17.65 -25.38
N VAL A 55 -2.53 -18.54 -24.52
CA VAL A 55 -1.73 -18.96 -23.36
C VAL A 55 -0.69 -19.99 -23.76
N TYR A 56 -1.07 -20.97 -24.57
CA TYR A 56 -0.13 -22.04 -24.90
C TYR A 56 1.13 -21.52 -25.56
N PRO A 57 1.10 -20.62 -26.56
CA PRO A 57 2.37 -20.12 -27.11
C PRO A 57 3.22 -19.40 -26.07
N LEU A 58 2.60 -18.65 -25.16
CA LEU A 58 3.36 -17.96 -24.11
C LEU A 58 3.95 -18.95 -23.13
N VAL A 59 3.23 -20.03 -22.82
CA VAL A 59 3.82 -21.09 -22.00
C VAL A 59 5.10 -21.59 -22.66
N ASP A 60 5.04 -21.90 -23.97
CA ASP A 60 6.24 -22.36 -24.67
C ASP A 60 7.38 -21.35 -24.56
N GLU A 61 7.06 -20.08 -24.74
CA GLU A 61 8.10 -19.06 -24.65
C GLU A 61 8.68 -18.97 -23.25
N ILE A 62 7.83 -19.05 -22.22
CA ILE A 62 8.31 -19.02 -20.84
C ILE A 62 9.29 -20.16 -20.61
N VAL A 63 8.94 -21.35 -21.09
CA VAL A 63 9.78 -22.53 -20.90
C VAL A 63 11.11 -22.37 -21.62
N ALA A 64 11.07 -21.87 -22.86
CA ALA A 64 12.30 -21.60 -23.59
C ALA A 64 13.10 -20.48 -22.94
N ALA A 65 12.42 -19.43 -22.50
CA ALA A 65 13.11 -18.23 -21.98
C ALA A 65 13.81 -18.49 -20.67
N ARG A 66 13.22 -19.32 -19.82
CA ARG A 66 13.83 -19.49 -18.52
C ARG A 66 15.14 -20.24 -18.62
N LYS A 67 15.47 -20.76 -19.80
CA LYS A 67 16.80 -21.31 -20.00
C LYS A 67 17.89 -20.25 -19.86
N ASN A 68 17.60 -19.01 -20.26
CA ASN A 68 18.59 -17.94 -20.21
C ASN A 68 18.18 -16.74 -19.39
N HIS A 69 16.99 -16.75 -18.79
CA HIS A 69 16.48 -15.57 -18.10
C HIS A 69 15.74 -16.00 -16.83
N LYS A 70 16.02 -15.32 -15.73
CA LYS A 70 15.26 -15.47 -14.51
C LYS A 70 13.98 -14.68 -14.65
N LEU A 71 12.84 -15.32 -14.37
CA LEU A 71 11.53 -14.73 -14.67
C LEU A 71 10.64 -14.72 -13.45
N LEU A 72 10.03 -13.57 -13.16
CA LEU A 72 8.95 -13.48 -12.20
C LEU A 72 7.69 -13.14 -13.00
N ILE A 73 6.75 -14.06 -13.06
CA ILE A 73 5.64 -13.97 -14.01
C ILE A 73 4.39 -13.72 -13.20
N GLY A 74 3.80 -12.52 -13.33
CA GLY A 74 2.60 -12.15 -12.58
C GLY A 74 1.40 -12.18 -13.49
N THR A 75 0.23 -12.52 -12.95
CA THR A 75 -0.96 -12.66 -13.77
C THR A 75 -1.91 -11.49 -13.52
N GLY A 76 -2.58 -11.04 -14.58
CA GLY A 76 -3.68 -10.12 -14.46
C GLY A 76 -4.95 -10.83 -14.05
N ALA A 77 -6.05 -10.07 -14.01
CA ALA A 77 -7.32 -10.57 -13.50
C ALA A 77 -8.32 -10.73 -14.66
N GLY A 78 -8.76 -9.64 -15.27
CA GLY A 78 -9.57 -9.80 -16.47
C GLY A 78 -11.06 -9.75 -16.21
N THR A 79 -11.81 -10.40 -17.10
CA THR A 79 -13.24 -10.12 -17.16
C THR A 79 -13.99 -10.54 -15.90
N ARG A 80 -13.56 -11.61 -15.21
CA ARG A 80 -14.30 -11.98 -14.00
C ARG A 80 -14.14 -10.94 -12.90
N ALA A 81 -12.99 -10.26 -12.87
CA ALA A 81 -12.84 -9.16 -11.91
C ALA A 81 -13.73 -7.99 -12.29
N ARG A 82 -13.82 -7.66 -13.58
CA ARG A 82 -14.75 -6.60 -14.00
C ARG A 82 -16.17 -6.95 -13.59
N HIS A 83 -16.55 -8.22 -13.72
CA HIS A 83 -17.90 -8.60 -13.29
C HIS A 83 -18.08 -8.39 -11.80
N LEU A 84 -17.13 -8.85 -10.98
CA LEU A 84 -17.22 -8.62 -9.54
C LEU A 84 -17.24 -7.14 -9.21
N TYR A 85 -16.39 -6.36 -9.85
CA TYR A 85 -16.41 -4.91 -9.61
C TYR A 85 -17.78 -4.33 -9.91
N SER A 86 -18.44 -4.78 -10.99
CA SER A 86 -19.73 -4.23 -11.35
CA SER A 86 -19.73 -4.21 -11.34
C SER A 86 -20.80 -4.59 -10.31
N ILE A 87 -20.82 -5.85 -9.86
CA ILE A 87 -21.78 -6.26 -8.82
C ILE A 87 -21.55 -5.43 -7.55
N ALA A 88 -20.30 -5.42 -7.06
CA ALA A 88 -19.97 -4.73 -5.82
C ALA A 88 -20.19 -3.23 -5.92
N ALA A 89 -19.78 -2.62 -7.05
CA ALA A 89 -20.00 -1.18 -7.20
C ALA A 89 -21.49 -0.85 -7.18
N GLY A 90 -22.33 -1.70 -7.79
CA GLY A 90 -23.77 -1.44 -7.76
C GLY A 90 -24.38 -1.55 -6.39
N LEU A 91 -23.71 -2.26 -5.47
CA LEU A 91 -24.16 -2.36 -4.10
C LEU A 91 -23.64 -1.21 -3.24
N GLY A 92 -22.85 -0.31 -3.81
CA GLY A 92 -22.24 0.73 -3.01
C GLY A 92 -21.07 0.25 -2.20
N LEU A 93 -20.41 -0.84 -2.59
CA LEU A 93 -19.32 -1.26 -1.74
C LEU A 93 -18.07 -0.44 -2.06
N PRO A 94 -17.17 -0.29 -1.10
CA PRO A 94 -16.02 0.61 -1.30
C PRO A 94 -14.87 -0.09 -2.03
N ALA A 95 -13.93 0.73 -2.48
CA ALA A 95 -12.80 0.23 -3.26
C ALA A 95 -12.03 -0.85 -2.51
N GLY A 96 -11.91 -0.72 -1.18
CA GLY A 96 -11.20 -1.73 -0.41
C GLY A 96 -11.86 -3.10 -0.48
N VAL A 97 -13.19 -3.15 -0.57
CA VAL A 97 -13.86 -4.43 -0.72
C VAL A 97 -13.64 -4.98 -2.12
N LEU A 98 -13.81 -4.13 -3.14
CA LEU A 98 -13.54 -4.58 -4.51
C LEU A 98 -12.11 -5.08 -4.68
N ALA A 99 -11.14 -4.50 -3.96
CA ALA A 99 -9.74 -4.92 -4.12
C ALA A 99 -9.57 -6.40 -3.78
N GLN A 100 -10.20 -6.85 -2.71
CA GLN A 100 -10.11 -8.26 -2.33
C GLN A 100 -10.78 -9.13 -3.38
N LEU A 101 -11.91 -8.66 -3.93
CA LEU A 101 -12.57 -9.46 -4.95
C LEU A 101 -11.66 -9.64 -6.17
N GLY A 102 -11.03 -8.56 -6.61
CA GLY A 102 -10.17 -8.67 -7.78
C GLY A 102 -8.98 -9.59 -7.59
N SER A 103 -8.43 -9.62 -6.38
CA SER A 103 -7.29 -10.49 -6.10
C SER A 103 -7.63 -11.94 -6.34
N SER A 104 -8.84 -12.37 -5.98
CA SER A 104 -9.20 -13.77 -6.15
C SER A 104 -9.17 -14.16 -7.63
N VAL A 105 -9.50 -13.23 -8.54
CA VAL A 105 -9.50 -13.55 -9.95
C VAL A 105 -8.07 -13.67 -10.47
N ALA A 106 -7.18 -12.76 -10.03
CA ALA A 106 -5.79 -12.93 -10.43
C ALA A 106 -5.21 -14.23 -9.89
N ASP A 107 -5.65 -14.65 -8.70
CA ASP A 107 -5.21 -15.93 -8.12
C ASP A 107 -5.64 -17.09 -9.00
N GLN A 108 -6.88 -17.05 -9.49
CA GLN A 108 -7.37 -18.10 -10.38
C GLN A 108 -6.48 -18.22 -11.61
N ASN A 109 -6.15 -17.07 -12.19
CA ASN A 109 -5.33 -17.05 -13.40
C ASN A 109 -3.93 -17.57 -13.13
N ALA A 110 -3.36 -17.20 -11.98
CA ALA A 110 -2.04 -17.75 -11.63
C ALA A 110 -2.11 -19.26 -11.46
N ALA A 111 -3.19 -19.76 -10.85
CA ALA A 111 -3.33 -21.21 -10.69
C ALA A 111 -3.43 -21.92 -12.04
N MET A 112 -4.19 -21.35 -12.99
CA MET A 112 -4.29 -21.99 -14.30
C MET A 112 -2.96 -21.97 -15.02
N LEU A 113 -2.31 -20.82 -15.05
CA LEU A 113 -0.99 -20.77 -15.71
C LEU A 113 0.01 -21.68 -15.01
N GLY A 114 0.00 -21.68 -13.68
CA GLY A 114 0.93 -22.51 -12.93
C GLY A 114 0.77 -23.99 -13.21
N GLN A 115 -0.47 -24.44 -13.42
CA GLN A 115 -0.68 -25.85 -13.72
C GLN A 115 -0.15 -26.23 -15.09
N LEU A 116 -0.17 -25.29 -16.04
CA LEU A 116 0.45 -25.58 -17.34
C LEU A 116 1.98 -25.59 -17.25
N LEU A 117 2.55 -24.94 -16.25
CA LEU A 117 4.01 -24.87 -16.10
C LEU A 117 4.56 -25.86 -15.09
N ALA A 118 3.69 -26.53 -14.32
CA ALA A 118 4.15 -27.39 -13.23
C ALA A 118 5.11 -28.49 -13.70
N LYS A 119 4.83 -29.10 -14.85
CA LYS A 119 5.71 -30.16 -15.31
C LYS A 119 7.05 -29.62 -15.77
N HIS A 120 7.16 -28.32 -16.00
CA HIS A 120 8.44 -27.70 -16.32
C HIS A 120 9.17 -27.21 -15.07
N GLY A 121 8.64 -27.48 -13.88
CA GLY A 121 9.31 -27.16 -12.65
C GLY A 121 8.97 -25.81 -12.05
N ILE A 122 8.09 -25.05 -12.67
CA ILE A 122 7.87 -23.65 -12.32
C ILE A 122 6.70 -23.57 -11.33
N PRO A 123 6.91 -23.06 -10.13
CA PRO A 123 5.84 -23.04 -9.12
C PRO A 123 5.03 -21.76 -9.15
N VAL A 124 3.86 -21.84 -8.51
CA VAL A 124 3.08 -20.64 -8.18
C VAL A 124 3.47 -20.26 -6.76
N VAL A 125 3.83 -19.00 -6.54
CA VAL A 125 4.27 -18.53 -5.23
C VAL A 125 3.47 -17.28 -4.88
N GLY A 126 3.55 -16.90 -3.59
CA GLY A 126 2.98 -15.64 -3.14
C GLY A 126 3.51 -14.50 -3.99
N GLY A 127 4.83 -14.24 -3.90
CA GLY A 127 5.45 -13.18 -4.67
C GLY A 127 6.93 -13.38 -4.85
N ALA A 128 7.68 -12.28 -4.94
CA ALA A 128 9.12 -12.39 -5.13
C ALA A 128 9.84 -12.82 -3.87
N GLY A 129 9.22 -12.67 -2.70
CA GLY A 129 9.89 -13.05 -1.48
C GLY A 129 10.07 -14.54 -1.28
N HIS A 130 9.37 -15.37 -2.08
CA HIS A 130 9.56 -16.81 -2.07
C HIS A 130 10.16 -17.32 -3.39
N SER A 131 10.71 -16.44 -4.19
CA SER A 131 11.28 -16.88 -5.44
C SER A 131 12.75 -17.24 -5.33
N ALA A 132 13.36 -17.10 -4.15
CA ALA A 132 14.82 -17.24 -4.09
C ALA A 132 15.28 -18.59 -4.62
N VAL A 133 14.73 -19.69 -4.10
CA VAL A 133 15.21 -20.99 -4.55
C VAL A 133 14.88 -21.21 -6.04
N PRO A 134 13.65 -21.01 -6.50
CA PRO A 134 13.38 -21.19 -7.93
C PRO A 134 14.32 -20.43 -8.85
N LEU A 135 14.67 -19.19 -8.50
CA LEU A 135 15.44 -18.40 -9.45
C LEU A 135 16.92 -18.71 -9.45
N SER A 136 17.39 -19.63 -8.63
CA SER A 136 18.78 -20.06 -8.56
CA SER A 136 18.80 -20.00 -8.66
C SER A 136 19.03 -21.37 -9.29
N LEU A 137 17.98 -21.96 -9.86
CA LEU A 137 18.04 -23.29 -10.45
C LEU A 137 17.80 -23.19 -11.96
N ALA A 138 18.77 -23.66 -12.75
CA ALA A 138 18.56 -23.73 -14.19
C ALA A 138 17.32 -24.55 -14.54
N GLU A 139 17.06 -25.62 -13.79
CA GLU A 139 15.86 -26.44 -14.00
C GLU A 139 14.58 -25.66 -13.78
N VAL A 140 14.63 -24.54 -13.05
CA VAL A 140 13.43 -23.78 -12.71
C VAL A 140 13.56 -22.36 -13.27
N ASN A 141 14.22 -21.46 -12.53
CA ASN A 141 14.57 -20.12 -13.01
C ASN A 141 13.36 -19.22 -13.28
N ALA A 142 12.19 -19.58 -12.76
CA ALA A 142 11.00 -18.78 -13.00
C ALA A 142 9.99 -19.14 -11.92
N VAL A 143 9.12 -18.18 -11.61
CA VAL A 143 7.96 -18.44 -10.75
C VAL A 143 6.76 -17.71 -11.34
N VAL A 144 5.57 -18.15 -10.92
CA VAL A 144 4.31 -17.50 -11.29
C VAL A 144 3.69 -16.94 -10.03
N PHE A 145 3.12 -15.73 -10.09
CA PHE A 145 2.46 -15.15 -8.92
C PHE A 145 1.23 -14.37 -9.37
N SER A 146 0.28 -14.21 -8.46
CA SER A 146 -0.87 -13.38 -8.77
C SER A 146 -0.45 -11.92 -8.72
N GLY A 147 -0.87 -11.12 -9.70
CA GLY A 147 -0.34 -9.78 -9.82
C GLY A 147 -0.99 -8.69 -8.97
N MET A 148 -2.03 -9.00 -8.24
CA MET A 148 -2.80 -7.99 -7.49
C MET A 148 -2.01 -7.57 -6.25
N PRO A 149 -1.94 -6.27 -5.95
CA PRO A 149 -1.25 -5.85 -4.72
C PRO A 149 -2.02 -6.32 -3.50
N PRO A 150 -1.38 -6.36 -2.36
CA PRO A 150 -1.97 -6.96 -1.16
C PRO A 150 -2.80 -5.98 -0.34
N TYR A 151 -3.20 -4.85 -0.94
CA TYR A 151 -3.71 -3.75 -0.11
C TYR A 151 -5.07 -4.10 0.49
N LYS A 152 -5.87 -4.87 -0.23
CA LYS A 152 -7.16 -5.37 0.27
C LYS A 152 -7.97 -4.17 0.76
N LEU A 153 -8.51 -4.24 1.97
CA LEU A 153 -9.38 -3.19 2.48
C LEU A 153 -8.65 -1.87 2.67
N TRP A 154 -7.30 -1.87 2.68
CA TRP A 154 -6.53 -0.65 2.78
C TRP A 154 -6.12 -0.07 1.42
N MET A 155 -6.74 -0.54 0.35
CA MET A 155 -6.58 0.06 -0.98
C MET A 155 -6.89 1.54 -0.93
N ARG A 156 -6.00 2.36 -1.46
CA ARG A 156 -6.38 3.76 -1.59
C ARG A 156 -7.41 3.89 -2.72
N PRO A 157 -8.53 4.53 -2.48
CA PRO A 157 -9.53 4.71 -3.56
C PRO A 157 -9.02 5.70 -4.59
N ALA A 158 -9.59 5.59 -5.79
CA ALA A 158 -9.40 6.63 -6.78
C ALA A 158 -10.10 7.91 -6.33
N ALA A 159 -9.72 9.02 -6.95
CA ALA A 159 -10.44 10.27 -6.74
C ALA A 159 -11.94 10.10 -6.96
N GLU A 160 -12.34 9.27 -7.92
CA GLU A 160 -13.75 9.10 -8.25
C GLU A 160 -14.04 7.62 -8.48
N GLY A 161 -15.17 7.16 -8.00
CA GLY A 161 -15.59 5.78 -8.22
C GLY A 161 -14.90 4.82 -7.27
N VAL A 162 -15.33 3.55 -7.33
CA VAL A 162 -14.88 2.56 -6.35
C VAL A 162 -14.01 1.49 -7.00
N ILE A 163 -13.66 1.63 -8.28
CA ILE A 163 -12.74 0.66 -8.89
C ILE A 163 -11.36 0.83 -8.24
N PRO A 164 -10.77 -0.22 -7.70
CA PRO A 164 -9.41 -0.09 -7.11
C PRO A 164 -8.46 0.48 -8.15
N PRO A 165 -7.75 1.56 -7.84
CA PRO A 165 -6.84 2.13 -8.85
C PRO A 165 -5.54 1.37 -9.00
N TYR A 166 -5.14 0.58 -8.00
CA TYR A 166 -3.90 -0.19 -8.06
C TYR A 166 -4.29 -1.63 -8.30
N ARG A 167 -4.17 -2.09 -9.55
CA ARG A 167 -4.53 -3.47 -9.82
C ARG A 167 -3.29 -4.22 -10.28
N THR A 168 -3.41 -5.12 -11.24
CA THR A 168 -2.30 -6.04 -11.44
C THR A 168 -1.14 -5.41 -12.19
N ASP A 169 -1.37 -4.39 -13.04
CA ASP A 169 -0.21 -3.67 -13.61
C ASP A 169 0.61 -3.07 -12.49
N ALA A 170 -0.07 -2.42 -11.54
CA ALA A 170 0.61 -1.77 -10.43
C ALA A 170 1.25 -2.80 -9.53
N GLY A 171 0.55 -3.93 -9.29
CA GLY A 171 1.12 -4.93 -8.41
C GLY A 171 2.41 -5.48 -8.98
N CYS A 172 2.42 -5.82 -10.28
CA CYS A 172 3.63 -6.36 -10.89
C CYS A 172 4.73 -5.31 -10.92
N PHE A 173 4.38 -4.08 -11.31
CA PHE A 173 5.40 -3.05 -11.35
C PHE A 173 6.04 -2.86 -9.99
N LEU A 174 5.23 -2.77 -8.93
CA LEU A 174 5.81 -2.52 -7.61
C LEU A 174 6.71 -3.66 -7.15
N LEU A 175 6.38 -4.89 -7.54
CA LEU A 175 7.26 -6.01 -7.23
C LEU A 175 8.60 -5.89 -7.96
N ALA A 176 8.57 -5.58 -9.26
CA ALA A 176 9.83 -5.36 -9.99
C ALA A 176 10.63 -4.26 -9.35
N GLU A 177 9.96 -3.18 -8.96
CA GLU A 177 10.63 -2.05 -8.36
C GLU A 177 11.21 -2.39 -7.00
N GLN A 178 10.42 -3.02 -6.14
CA GLN A 178 10.97 -3.22 -4.81
CA GLN A 178 10.86 -3.36 -4.78
C GLN A 178 12.04 -4.32 -4.81
N PHE A 179 12.01 -5.26 -5.74
CA PHE A 179 13.07 -6.25 -5.80
C PHE A 179 14.23 -5.82 -6.70
N GLY A 180 14.17 -4.60 -7.23
CA GLY A 180 15.30 -4.08 -7.99
C GLY A 180 15.59 -4.89 -9.24
N CYS A 181 14.56 -5.43 -9.87
CA CYS A 181 14.71 -6.27 -11.05
C CYS A 181 15.23 -5.44 -12.22
N LYS A 182 15.82 -6.14 -13.20
CA LYS A 182 16.44 -5.40 -14.28
C LYS A 182 15.46 -4.94 -15.35
N GLN A 183 14.23 -5.46 -15.37
CA GLN A 183 13.37 -5.27 -16.52
C GLN A 183 11.93 -5.60 -16.11
N MET A 184 10.98 -4.85 -16.67
CA MET A 184 9.56 -5.02 -16.44
C MET A 184 8.88 -5.05 -17.80
N ILE A 185 8.25 -6.18 -18.12
CA ILE A 185 7.58 -6.38 -19.41
C ILE A 185 6.11 -6.65 -19.17
N PHE A 186 5.25 -5.80 -19.72
CA PHE A 186 3.82 -6.01 -19.68
C PHE A 186 3.40 -6.69 -20.97
N VAL A 187 2.79 -7.86 -20.84
CA VAL A 187 2.37 -8.66 -21.98
C VAL A 187 0.88 -8.45 -22.15
N LYS A 188 0.51 -7.72 -23.22
CA LYS A 188 -0.89 -7.41 -23.48
C LYS A 188 -1.31 -7.97 -24.83
N ASP A 189 -2.35 -7.40 -25.44
CA ASP A 189 -2.87 -7.94 -26.68
C ASP A 189 -2.80 -6.92 -27.81
N GLU A 190 -1.94 -5.93 -27.68
CA GLU A 190 -1.69 -4.94 -28.72
C GLU A 190 -0.18 -4.81 -28.86
N ASP A 191 0.27 -4.36 -30.03
CA ASP A 191 1.71 -4.30 -30.25
C ASP A 191 2.38 -3.31 -29.31
N GLY A 192 1.63 -2.37 -28.76
CA GLY A 192 2.24 -1.41 -27.85
C GLY A 192 1.29 -0.27 -27.68
N LEU A 193 1.85 0.90 -27.34
CA LEU A 193 1.05 2.09 -27.21
C LEU A 193 0.77 2.72 -28.58
N TYR A 194 -0.46 3.18 -28.76
CA TYR A 194 -0.83 3.98 -29.91
C TYR A 194 -1.31 5.34 -29.43
N THR A 195 -1.43 6.26 -30.39
CA THR A 195 -1.93 7.60 -30.12
C THR A 195 -3.41 7.60 -29.73
N ALA A 196 -4.11 6.49 -29.98
CA ALA A 196 -5.50 6.32 -29.58
C ALA A 196 -5.70 4.83 -29.35
N ASN A 197 -6.81 4.48 -28.69
CA ASN A 197 -7.14 3.07 -28.48
C ASN A 197 -7.24 2.36 -29.83
N PRO A 198 -6.32 1.46 -30.17
CA PRO A 198 -6.37 0.85 -31.52
C PRO A 198 -7.59 -0.02 -31.73
N LYS A 199 -8.27 -0.46 -30.66
CA LYS A 199 -9.47 -1.25 -30.84
C LYS A 199 -10.64 -0.39 -31.29
N THR A 200 -10.73 0.83 -30.77
CA THR A 200 -11.86 1.71 -31.05
C THR A 200 -11.50 2.90 -31.94
N SER A 201 -10.26 2.98 -32.41
CA SER A 201 -9.84 4.06 -33.29
C SER A 201 -9.27 3.47 -34.57
N LYS A 202 -9.58 4.12 -35.70
CA LYS A 202 -9.22 3.58 -37.00
C LYS A 202 -7.73 3.76 -37.27
N ASP A 203 -7.25 5.00 -37.20
CA ASP A 203 -5.95 5.39 -37.69
C ASP A 203 -5.00 5.77 -36.57
N ALA A 204 -5.06 5.05 -35.45
CA ALA A 204 -4.11 5.28 -34.37
C ALA A 204 -2.71 4.93 -34.85
N THR A 205 -1.73 5.70 -34.38
CA THR A 205 -0.35 5.59 -34.81
C THR A 205 0.49 4.94 -33.71
N PHE A 206 1.37 4.02 -34.10
CA PHE A 206 2.17 3.30 -33.13
C PHE A 206 3.26 4.19 -32.55
N ILE A 207 3.49 4.04 -31.25
CA ILE A 207 4.50 4.83 -30.54
C ILE A 207 5.57 3.87 -30.01
N PRO A 208 6.77 3.82 -30.62
CA PRO A 208 7.78 2.87 -30.11
C PRO A 208 8.37 3.25 -28.76
N ARG A 209 8.45 4.55 -28.45
CA ARG A 209 9.13 4.96 -27.24
C ARG A 209 8.56 6.29 -26.78
N ILE A 210 8.33 6.42 -25.48
CA ILE A 210 7.69 7.63 -24.94
C ILE A 210 8.01 7.71 -23.46
N SER A 211 8.09 8.93 -22.95
CA SER A 211 8.19 9.15 -21.51
C SER A 211 6.80 9.32 -20.90
N VAL A 212 6.74 9.14 -19.58
CA VAL A 212 5.50 9.36 -18.84
C VAL A 212 4.98 10.78 -19.07
N ASP A 213 5.86 11.79 -18.93
CA ASP A 213 5.41 13.17 -19.16
C ASP A 213 4.81 13.33 -20.55
N GLU A 214 5.45 12.75 -21.56
CA GLU A 214 4.92 12.85 -22.92
C GLU A 214 3.57 12.13 -23.04
N MET A 215 3.41 10.99 -22.36
CA MET A 215 2.11 10.31 -22.39
C MET A 215 1.03 11.19 -21.79
N LYS A 216 1.30 11.79 -20.63
CA LYS A 216 0.31 12.66 -20.00
C LYS A 216 -0.04 13.81 -20.93
N ALA A 217 0.98 14.44 -21.52
CA ALA A 217 0.72 15.57 -22.41
C ALA A 217 -0.07 15.16 -23.65
N LYS A 218 0.00 13.91 -24.06
CA LYS A 218 -0.74 13.44 -25.23
C LYS A 218 -2.12 12.90 -24.89
N GLY A 219 -2.57 13.01 -23.64
CA GLY A 219 -3.85 12.45 -23.24
C GLY A 219 -3.86 10.95 -23.02
N LEU A 220 -2.69 10.30 -22.99
CA LEU A 220 -2.59 8.85 -22.86
C LEU A 220 -2.37 8.39 -21.42
N HIS A 221 -2.74 9.21 -20.44
CA HIS A 221 -2.44 8.89 -19.05
C HIS A 221 -3.03 7.55 -18.63
N ASP A 222 -4.22 7.23 -19.09
CA ASP A 222 -4.93 6.01 -18.74
C ASP A 222 -5.23 5.25 -20.03
N SER A 223 -4.18 4.72 -20.67
CA SER A 223 -4.36 4.05 -21.94
C SER A 223 -3.99 2.59 -21.76
N ILE A 224 -2.77 2.18 -22.13
CA ILE A 224 -2.45 0.76 -22.15
C ILE A 224 -1.96 0.25 -20.79
N LEU A 225 -1.65 1.14 -19.84
CA LEU A 225 -1.38 0.75 -18.46
C LEU A 225 -2.30 1.50 -17.50
N GLU A 226 -2.61 0.86 -16.36
CA GLU A 226 -3.24 1.58 -15.25
C GLU A 226 -2.51 2.91 -15.03
N PHE A 227 -3.25 4.03 -15.04
CA PHE A 227 -2.60 5.34 -14.87
C PHE A 227 -1.75 5.43 -13.60
N PRO A 228 -2.18 4.92 -12.45
CA PRO A 228 -1.26 4.95 -11.30
C PRO A 228 0.11 4.39 -11.60
N VAL A 229 0.24 3.43 -12.52
CA VAL A 229 1.55 2.84 -12.82
C VAL A 229 2.52 3.88 -13.35
N LEU A 230 2.03 4.80 -14.18
CA LEU A 230 2.92 5.81 -14.73
C LEU A 230 3.48 6.71 -13.64
N ASP A 231 2.66 7.02 -12.63
CA ASP A 231 3.16 7.82 -11.52
C ASP A 231 4.15 7.03 -10.66
N LEU A 232 3.84 5.76 -10.38
CA LEU A 232 4.76 4.89 -9.69
C LEU A 232 6.09 4.80 -10.42
N LEU A 233 6.03 4.71 -11.74
CA LEU A 233 7.24 4.62 -12.55
C LEU A 233 8.11 5.86 -12.38
N GLN A 234 7.51 7.06 -12.32
CA GLN A 234 8.33 8.25 -12.13
C GLN A 234 8.92 8.34 -10.73
N SER A 235 8.33 7.64 -9.76
CA SER A 235 8.82 7.59 -8.40
C SER A 235 9.84 6.48 -8.18
N ALA A 236 9.97 5.57 -9.13
CA ALA A 236 10.71 4.33 -8.92
C ALA A 236 12.20 4.60 -8.76
N GLN A 237 12.85 3.79 -7.93
CA GLN A 237 14.29 3.88 -7.76
C GLN A 237 15.06 2.95 -8.68
N HIS A 238 14.45 1.84 -9.05
CA HIS A 238 15.15 0.76 -9.73
C HIS A 238 14.66 0.49 -11.15
N VAL A 239 13.36 0.50 -11.37
CA VAL A 239 12.81 0.23 -12.68
C VAL A 239 12.32 1.56 -13.23
N ARG A 240 13.11 2.15 -14.13
CA ARG A 240 12.87 3.50 -14.64
C ARG A 240 12.30 3.47 -16.05
N GLU A 241 12.06 2.29 -16.58
CA GLU A 241 11.33 2.16 -17.83
C GLU A 241 10.65 0.81 -17.81
N VAL A 242 9.63 0.67 -18.66
CA VAL A 242 8.91 -0.58 -18.83
C VAL A 242 8.72 -0.78 -20.32
N GLN A 243 8.48 -2.03 -20.70
CA GLN A 243 8.22 -2.37 -22.08
C GLN A 243 6.87 -3.05 -22.18
N VAL A 244 6.04 -2.63 -23.12
CA VAL A 244 4.73 -3.22 -23.35
C VAL A 244 4.79 -3.98 -24.67
N VAL A 245 4.44 -5.27 -24.66
CA VAL A 245 4.53 -6.07 -25.88
C VAL A 245 3.24 -6.86 -26.07
N ASN A 246 3.08 -7.33 -27.30
CA ASN A 246 1.91 -8.09 -27.70
C ASN A 246 2.20 -9.57 -27.45
N GLY A 247 1.56 -10.15 -26.43
CA GLY A 247 1.74 -11.55 -26.17
C GLY A 247 1.09 -12.47 -27.18
N LEU A 248 0.26 -11.93 -28.07
CA LEU A 248 -0.42 -12.74 -29.06
C LEU A 248 0.46 -12.99 -30.28
N VAL A 249 1.58 -12.28 -30.38
CA VAL A 249 2.52 -12.47 -31.48
C VAL A 249 3.53 -13.54 -31.05
N PRO A 250 3.61 -14.67 -31.75
CA PRO A 250 4.54 -15.73 -31.32
C PRO A 250 5.96 -15.18 -31.23
N GLY A 251 6.65 -15.49 -30.13
CA GLY A 251 8.03 -15.10 -29.94
C GLY A 251 8.25 -13.69 -29.46
N ASN A 252 7.21 -12.87 -29.34
CA ASN A 252 7.40 -11.48 -28.94
C ASN A 252 8.03 -11.36 -27.55
N LEU A 253 7.60 -12.20 -26.60
CA LEU A 253 8.20 -12.15 -25.29
C LEU A 253 9.66 -12.59 -25.35
N THR A 254 9.93 -13.69 -26.05
CA THR A 254 11.30 -14.16 -26.25
C THR A 254 12.19 -13.07 -26.84
N ARG A 255 11.70 -12.38 -27.86
CA ARG A 255 12.51 -11.34 -28.50
C ARG A 255 12.71 -10.16 -27.57
N ALA A 256 11.67 -9.78 -26.81
CA ALA A 256 11.83 -8.72 -25.82
C ALA A 256 12.88 -9.09 -24.77
N LEU A 257 12.89 -10.35 -24.32
CA LEU A 257 13.91 -10.81 -23.37
C LEU A 257 15.30 -10.80 -23.97
N ALA A 258 15.39 -10.98 -25.29
CA ALA A 258 16.67 -10.91 -25.99
C ALA A 258 17.13 -9.47 -26.28
N GLY A 259 16.42 -8.46 -25.80
CA GLY A 259 16.78 -7.09 -26.02
C GLY A 259 16.25 -6.48 -27.30
N GLU A 260 15.32 -7.13 -27.98
CA GLU A 260 14.78 -6.55 -29.20
C GLU A 260 13.72 -5.52 -28.85
N HIS A 261 13.70 -4.41 -29.57
CA HIS A 261 12.78 -3.32 -29.20
C HIS A 261 11.41 -3.54 -29.83
N VAL A 262 10.80 -4.67 -29.51
CA VAL A 262 9.43 -4.90 -29.93
C VAL A 262 8.51 -4.12 -29.00
N GLY A 263 7.36 -3.76 -29.51
CA GLY A 263 6.49 -3.06 -28.56
C GLY A 263 6.93 -1.64 -28.26
N THR A 264 6.44 -1.14 -27.13
CA THR A 264 6.65 0.23 -26.72
C THR A 264 7.45 0.28 -25.43
N ILE A 265 8.48 1.12 -25.41
CA ILE A 265 9.24 1.39 -24.19
C ILE A 265 8.73 2.69 -23.60
N ILE A 266 8.24 2.63 -22.37
CA ILE A 266 7.79 3.79 -21.63
C ILE A 266 8.83 4.07 -20.56
N THR A 267 9.33 5.30 -20.55
CA THR A 267 10.41 5.72 -19.67
C THR A 267 9.88 6.68 -18.63
N ALA A 268 10.40 6.56 -17.41
CA ALA A 268 10.05 7.50 -16.34
C ALA A 268 10.34 8.93 -16.75
N SER A 269 11.46 9.16 -17.44
CA SER A 269 11.81 10.50 -17.86
C SER A 269 12.27 10.54 -19.31
N ARG B 32 -22.11 7.80 -2.96
CA ARG B 32 -20.93 7.34 -2.25
C ARG B 32 -21.17 5.92 -1.69
N PRO B 33 -20.09 5.18 -1.40
CA PRO B 33 -20.24 3.83 -0.86
C PRO B 33 -21.00 3.80 0.45
N ILE B 34 -21.75 2.71 0.67
CA ILE B 34 -22.41 2.48 1.97
C ILE B 34 -21.39 2.47 3.10
N ARG B 35 -21.88 2.63 4.32
CA ARG B 35 -21.06 2.50 5.51
C ARG B 35 -21.16 1.07 6.02
N LEU B 36 -20.04 0.35 6.01
CA LEU B 36 -20.04 -1.05 6.44
C LEU B 36 -20.32 -1.19 7.92
N LEU B 37 -19.67 -0.38 8.74
CA LEU B 37 -19.80 -0.44 10.20
C LEU B 37 -20.03 0.97 10.74
N PRO B 38 -21.23 1.51 10.53
CA PRO B 38 -21.43 2.94 10.85
C PRO B 38 -21.35 3.24 12.32
N TRP B 39 -21.50 2.25 13.17
CA TRP B 39 -21.50 2.43 14.62
C TRP B 39 -20.13 2.29 15.21
N LEU B 40 -19.11 2.01 14.39
CA LEU B 40 -17.77 1.74 14.88
C LEU B 40 -17.04 3.03 15.23
N GLN B 41 -16.27 3.01 16.31
CA GLN B 41 -15.33 4.07 16.61
C GLN B 41 -13.92 3.51 16.48
N VAL B 42 -13.07 4.16 15.69
CA VAL B 42 -11.70 3.69 15.51
C VAL B 42 -10.77 4.62 16.31
N VAL B 43 -9.88 4.03 17.09
CA VAL B 43 -8.94 4.80 17.92
C VAL B 43 -7.55 4.33 17.56
N LYS B 44 -6.71 5.26 17.12
CA LYS B 44 -5.32 4.92 16.81
C LYS B 44 -4.45 5.41 17.95
N ILE B 45 -3.69 4.49 18.52
CA ILE B 45 -2.77 4.77 19.62
C ILE B 45 -1.37 4.89 19.04
N GLY B 46 -0.76 6.07 19.20
CA GLY B 46 0.58 6.31 18.66
C GLY B 46 1.60 5.34 19.24
N GLY B 47 2.48 4.84 18.38
CA GLY B 47 3.54 3.99 18.89
C GLY B 47 4.40 4.67 19.93
N ARG B 48 4.62 5.97 19.80
CA ARG B 48 5.45 6.68 20.77
C ARG B 48 4.74 6.85 22.11
N VAL B 49 3.40 6.82 22.12
CA VAL B 49 2.68 6.73 23.40
C VAL B 49 2.99 5.39 24.07
N MET B 50 2.87 4.30 23.34
CA MET B 50 3.20 2.98 23.87
C MET B 50 4.64 2.92 24.36
N ASP B 51 5.55 3.58 23.62
CA ASP B 51 6.96 3.60 24.00
C ASP B 51 7.20 4.13 25.41
N ARG B 52 6.28 4.92 25.94
CA ARG B 52 6.48 5.46 27.28
C ARG B 52 6.26 4.44 28.37
N GLY B 53 5.78 3.24 28.01
CA GLY B 53 5.66 2.17 28.98
C GLY B 53 4.48 2.41 29.92
N ALA B 54 4.52 1.69 31.05
CA ALA B 54 3.44 1.67 32.02
C ALA B 54 2.94 3.07 32.40
N ASP B 55 3.85 4.04 32.53
CA ASP B 55 3.44 5.36 32.99
C ASP B 55 2.37 5.97 32.10
N ALA B 56 2.46 5.75 30.79
CA ALA B 56 1.42 6.18 29.85
C ALA B 56 0.38 5.11 29.60
N ILE B 57 0.79 3.84 29.55
CA ILE B 57 -0.11 2.79 29.11
C ILE B 57 -1.16 2.50 30.18
N LEU B 58 -0.75 2.47 31.47
CA LEU B 58 -1.72 2.09 32.49
C LEU B 58 -2.87 3.07 32.57
N PRO B 59 -2.66 4.40 32.62
CA PRO B 59 -3.81 5.32 32.57
C PRO B 59 -4.64 5.16 31.32
N LEU B 60 -3.98 4.97 30.17
CA LEU B 60 -4.74 4.80 28.94
C LEU B 60 -5.57 3.52 28.98
N VAL B 61 -5.01 2.45 29.54
CA VAL B 61 -5.77 1.21 29.67
C VAL B 61 -6.99 1.41 30.55
N GLU B 62 -6.81 2.12 31.68
CA GLU B 62 -7.97 2.39 32.54
C GLU B 62 -9.02 3.23 31.82
N GLU B 63 -8.59 4.21 31.04
CA GLU B 63 -9.56 4.99 30.29
C GLU B 63 -10.26 4.13 29.23
N LEU B 64 -9.50 3.30 28.51
CA LEU B 64 -10.12 2.40 27.54
C LEU B 64 -11.11 1.48 28.22
N ARG B 65 -10.75 0.93 29.40
CA ARG B 65 -11.67 0.09 30.15
C ARG B 65 -13.02 0.77 30.35
N LYS B 66 -12.99 2.04 30.77
CA LYS B 66 -14.25 2.73 31.06
C LYS B 66 -15.03 3.06 29.79
N LEU B 67 -14.35 3.11 28.65
CA LEU B 67 -14.96 3.40 27.37
C LEU B 67 -15.66 2.18 26.77
N LEU B 68 -15.22 0.97 27.12
CA LEU B 68 -15.79 -0.25 26.51
C LEU B 68 -17.30 -0.32 26.59
N PRO B 69 -17.96 0.00 27.71
CA PRO B 69 -19.44 -0.01 27.71
C PRO B 69 -20.07 1.12 26.93
N GLU B 70 -19.30 2.13 26.50
CA GLU B 70 -19.88 3.29 25.84
C GLU B 70 -19.77 3.25 24.31
N HIS B 71 -18.75 2.58 23.77
CA HIS B 71 -18.47 2.62 22.35
C HIS B 71 -18.10 1.22 21.89
N ARG B 72 -18.25 0.99 20.60
CA ARG B 72 -17.72 -0.21 19.95
C ARG B 72 -16.39 0.18 19.29
N LEU B 73 -15.29 -0.35 19.79
CA LEU B 73 -13.98 0.22 19.49
C LEU B 73 -13.13 -0.72 18.66
N LEU B 74 -12.55 -0.19 17.60
CA LEU B 74 -11.39 -0.80 16.94
C LEU B 74 -10.17 0.03 17.35
N ILE B 75 -9.26 -0.57 18.11
CA ILE B 75 -8.14 0.13 18.70
C ILE B 75 -6.93 -0.32 17.90
N LEU B 76 -6.27 0.60 17.22
CA LEU B 76 -5.15 0.27 16.34
C LEU B 76 -3.88 0.95 16.84
N THR B 77 -2.78 0.20 16.93
CA THR B 77 -1.55 0.73 17.49
C THR B 77 -0.56 1.06 16.37
N GLY B 78 0.15 2.19 16.54
CA GLY B 78 1.30 2.52 15.71
C GLY B 78 2.56 1.84 16.21
N ALA B 79 3.70 2.25 15.62
CA ALA B 79 4.95 1.50 15.71
C ALA B 79 5.93 2.13 16.71
N GLY B 80 6.18 3.44 16.62
CA GLY B 80 7.06 4.09 17.57
C GLY B 80 8.53 3.79 17.30
N VAL B 81 9.33 3.91 18.37
CA VAL B 81 10.79 4.03 18.22
C VAL B 81 11.43 2.76 17.68
N ARG B 82 10.89 1.58 17.97
CA ARG B 82 11.55 0.37 17.47
C ARG B 82 11.59 0.33 15.94
N ALA B 83 10.56 0.88 15.29
CA ALA B 83 10.60 0.96 13.82
C ALA B 83 11.71 1.89 13.35
N ARG B 84 12.04 2.92 14.14
CA ARG B 84 13.20 3.75 13.78
C ARG B 84 14.46 2.94 13.82
N HIS B 85 14.59 2.08 14.83
CA HIS B 85 15.79 1.25 14.90
C HIS B 85 15.85 0.30 13.71
N VAL B 86 14.74 -0.35 13.38
CA VAL B 86 14.86 -1.29 12.27
C VAL B 86 15.06 -0.53 10.96
N PHE B 87 14.55 0.70 10.85
CA PHE B 87 14.90 1.52 9.69
C PHE B 87 16.38 1.81 9.68
N SER B 88 16.96 2.12 10.84
CA SER B 88 18.40 2.38 10.90
C SER B 88 19.19 1.21 10.34
N VAL B 89 18.89 0.01 10.81
CA VAL B 89 19.59 -1.19 10.34
C VAL B 89 19.30 -1.44 8.87
N GLY B 90 18.02 -1.44 8.50
CA GLY B 90 17.66 -1.79 7.13
C GLY B 90 18.23 -0.81 6.11
N LEU B 91 18.21 0.48 6.42
CA LEU B 91 18.78 1.47 5.52
C LEU B 91 20.30 1.31 5.44
N ASP B 92 20.95 1.03 6.57
CA ASP B 92 22.38 0.76 6.53
C ASP B 92 22.69 -0.43 5.64
N LEU B 93 21.83 -1.44 5.65
CA LEU B 93 21.96 -2.60 4.76
C LEU B 93 21.53 -2.30 3.33
N GLY B 94 21.02 -1.10 3.07
CA GLY B 94 20.63 -0.72 1.73
C GLY B 94 19.25 -1.15 1.30
N LEU B 95 18.41 -1.61 2.23
CA LEU B 95 17.19 -2.27 1.84
C LEU B 95 16.19 -1.25 1.31
N PRO B 96 15.39 -1.63 0.32
CA PRO B 96 14.44 -0.69 -0.27
C PRO B 96 13.21 -0.47 0.61
N VAL B 97 12.38 0.49 0.20
CA VAL B 97 11.30 0.94 1.08
C VAL B 97 10.29 -0.19 1.27
N GLY B 98 10.09 -1.02 0.24
CA GLY B 98 9.18 -2.15 0.42
C GLY B 98 9.71 -3.20 1.38
N SER B 99 11.02 -3.25 1.58
CA SER B 99 11.55 -4.11 2.65
C SER B 99 11.30 -3.49 4.02
N LEU B 100 11.38 -2.17 4.12
CA LEU B 100 11.24 -1.55 5.45
C LEU B 100 9.80 -1.52 5.92
N ALA B 101 8.84 -1.52 5.01
CA ALA B 101 7.44 -1.37 5.41
C ALA B 101 6.99 -2.50 6.32
N PRO B 102 7.15 -3.78 5.98
CA PRO B 102 6.70 -4.81 6.91
C PRO B 102 7.54 -4.86 8.15
N LEU B 103 8.80 -4.44 8.09
CA LEU B 103 9.63 -4.40 9.30
C LEU B 103 9.05 -3.43 10.31
N ALA B 104 8.59 -2.25 9.85
CA ALA B 104 7.94 -1.29 10.76
C ALA B 104 6.58 -1.78 11.23
N ALA B 105 5.82 -2.37 10.31
CA ALA B 105 4.50 -2.84 10.68
C ALA B 105 4.57 -3.84 11.81
N SER B 106 5.63 -4.66 11.84
CA SER B 106 5.83 -5.63 12.92
CA SER B 106 5.80 -5.63 12.92
C SER B 106 5.78 -4.95 14.28
N GLU B 107 6.40 -3.78 14.38
CA GLU B 107 6.48 -3.07 15.66
C GLU B 107 5.11 -2.60 16.10
N ALA B 108 4.29 -2.17 15.16
CA ALA B 108 2.92 -1.78 15.49
C ALA B 108 2.11 -2.98 15.96
N GLY B 109 2.32 -4.13 15.32
CA GLY B 109 1.70 -5.35 15.79
C GLY B 109 2.11 -5.72 17.19
N GLN B 110 3.39 -5.55 17.53
CA GLN B 110 3.87 -5.85 18.88
C GLN B 110 3.21 -4.92 19.88
N ASN B 111 3.14 -3.63 19.56
CA ASN B 111 2.42 -2.70 20.43
C ASN B 111 0.96 -3.14 20.62
N GLY B 112 0.33 -3.60 19.54
CA GLY B 112 -1.05 -4.10 19.65
C GLY B 112 -1.18 -5.31 20.56
N HIS B 113 -0.25 -6.25 20.44
CA HIS B 113 -0.27 -7.41 21.34
C HIS B 113 -0.11 -6.98 22.80
N ILE B 114 0.77 -6.01 23.05
CA ILE B 114 0.95 -5.52 24.42
C ILE B 114 -0.34 -4.90 24.94
N LEU B 115 -0.93 -4.01 24.14
CA LEU B 115 -2.12 -3.29 24.62
C LEU B 115 -3.29 -4.25 24.81
N ALA B 116 -3.46 -5.21 23.89
CA ALA B 116 -4.54 -6.17 24.02
C ALA B 116 -4.35 -7.02 25.28
N ALA B 117 -3.11 -7.42 25.59
CA ALA B 117 -2.87 -8.21 26.80
C ALA B 117 -3.37 -7.46 28.03
N MET B 118 -3.15 -6.14 28.08
CA MET B 118 -3.61 -5.35 29.22
C MET B 118 -5.13 -5.29 29.33
N LEU B 119 -5.84 -5.47 28.22
CA LEU B 119 -7.32 -5.46 28.20
C LEU B 119 -7.91 -6.85 28.11
N ALA B 120 -7.09 -7.89 28.21
CA ALA B 120 -7.60 -9.26 28.03
C ALA B 120 -8.69 -9.59 29.04
N SER B 121 -8.54 -9.14 30.29
CA SER B 121 -9.56 -9.48 31.28
C SER B 121 -10.91 -8.84 30.97
N GLU B 122 -10.96 -7.86 30.08
CA GLU B 122 -12.20 -7.26 29.62
C GLU B 122 -12.75 -7.94 28.38
N GLY B 123 -12.11 -9.01 27.92
CA GLY B 123 -12.53 -9.71 26.72
C GLY B 123 -11.89 -9.20 25.46
N VAL B 124 -10.81 -8.43 25.54
CA VAL B 124 -10.22 -7.76 24.38
C VAL B 124 -9.03 -8.58 23.90
N SER B 125 -8.94 -8.79 22.59
CA SER B 125 -7.79 -9.51 22.05
C SER B 125 -7.27 -8.77 20.82
N TYR B 126 -6.02 -9.05 20.48
CA TYR B 126 -5.44 -8.60 19.22
C TYR B 126 -5.98 -9.47 18.09
N VAL B 127 -6.34 -8.85 16.96
CA VAL B 127 -6.77 -9.58 15.78
C VAL B 127 -5.87 -9.22 14.61
N GLU B 128 -5.53 -10.23 13.81
CA GLU B 128 -4.59 -10.05 12.70
C GLU B 128 -5.22 -9.29 11.55
N HIS B 129 -4.38 -8.80 10.62
CA HIS B 129 -4.93 -7.99 9.52
C HIS B 129 -6.00 -8.70 8.70
N PRO B 130 -5.83 -9.95 8.28
CA PRO B 130 -6.90 -10.57 7.48
C PRO B 130 -8.19 -10.68 8.26
N THR B 131 -8.08 -10.84 9.58
CA THR B 131 -9.28 -10.87 10.42
C THR B 131 -9.96 -9.51 10.50
N VAL B 132 -9.16 -8.45 10.66
CA VAL B 132 -9.73 -7.10 10.65
C VAL B 132 -10.41 -6.84 9.31
N ALA B 133 -9.78 -7.29 8.23
CA ALA B 133 -10.29 -7.01 6.89
C ALA B 133 -11.61 -7.72 6.62
N ASP B 134 -11.77 -8.97 7.07
CA ASP B 134 -12.91 -9.75 6.64
C ASP B 134 -13.88 -10.14 7.74
N GLN B 135 -13.45 -10.13 9.00
CA GLN B 135 -14.27 -10.65 10.10
C GLN B 135 -14.43 -9.65 11.23
N LEU B 136 -14.26 -8.37 10.97
CA LEU B 136 -14.33 -7.46 12.10
C LEU B 136 -15.72 -7.43 12.71
N ALA B 137 -16.76 -7.51 11.87
CA ALA B 137 -18.15 -7.41 12.36
C ALA B 137 -18.43 -8.50 13.40
N ILE B 138 -18.03 -9.75 13.11
CA ILE B 138 -18.32 -10.79 14.08
C ILE B 138 -17.50 -10.60 15.34
N HIS B 139 -16.23 -10.17 15.22
CA HIS B 139 -15.43 -9.98 16.43
C HIS B 139 -15.99 -8.85 17.32
N LEU B 140 -16.51 -7.78 16.72
CA LEU B 140 -17.12 -6.72 17.54
C LEU B 140 -18.49 -7.11 18.03
N SER B 141 -19.06 -8.20 17.51
CA SER B 141 -20.27 -8.74 18.09
CA SER B 141 -20.27 -8.75 18.08
C SER B 141 -19.96 -9.59 19.30
N ALA B 142 -18.79 -10.24 19.29
CA ALA B 142 -18.36 -11.11 20.39
C ALA B 142 -17.93 -10.28 21.60
N THR B 143 -17.31 -9.14 21.37
CA THR B 143 -16.70 -8.39 22.45
C THR B 143 -16.77 -6.91 22.12
N ARG B 144 -16.53 -6.07 23.14
CA ARG B 144 -16.76 -4.65 22.97
CA ARG B 144 -16.77 -4.64 22.94
C ARG B 144 -15.64 -3.97 22.19
N ALA B 145 -14.42 -4.52 22.20
CA ALA B 145 -13.33 -3.86 21.47
C ALA B 145 -12.34 -4.89 21.02
N VAL B 146 -11.67 -4.59 19.90
CA VAL B 146 -10.53 -5.40 19.51
C VAL B 146 -9.38 -4.46 19.21
N VAL B 147 -8.18 -5.03 19.21
CA VAL B 147 -6.95 -4.29 18.96
C VAL B 147 -6.34 -4.87 17.69
N GLY B 148 -5.81 -4.01 16.84
CA GLY B 148 -5.06 -4.49 15.69
C GLY B 148 -3.94 -3.53 15.41
N SER B 149 -3.13 -3.88 14.40
CA SER B 149 -2.05 -3.03 13.95
C SER B 149 -2.61 -1.91 13.08
N ALA B 150 -2.14 -0.68 13.32
CA ALA B 150 -2.61 0.42 12.48
C ALA B 150 -1.92 0.44 11.12
N PHE B 151 -0.77 -0.18 10.99
CA PHE B 151 -0.10 -0.20 9.68
C PHE B 151 -0.94 -0.97 8.68
N PRO B 152 -0.99 -0.51 7.42
CA PRO B 152 -1.66 -1.28 6.40
C PRO B 152 -0.72 -2.35 5.86
N PRO B 153 -1.26 -3.42 5.30
CA PRO B 153 -0.40 -4.50 4.76
C PRO B 153 0.11 -4.20 3.35
N TYR B 154 0.80 -3.07 3.16
CA TYR B 154 1.38 -2.75 1.86
C TYR B 154 2.61 -3.62 1.59
N HIS B 155 3.39 -3.98 2.60
CA HIS B 155 4.41 -5.05 2.49
C HIS B 155 5.41 -4.64 1.42
N HIS B 156 5.87 -5.56 0.60
CA HIS B 156 6.84 -5.17 -0.39
C HIS B 156 6.19 -4.43 -1.55
N HIS B 157 4.88 -4.15 -1.48
CA HIS B 157 4.22 -3.32 -2.47
C HIS B 157 4.00 -1.89 -1.98
N GLU B 158 4.73 -1.49 -0.94
CA GLU B 158 4.80 -0.09 -0.59
C GLU B 158 5.26 0.74 -1.80
N PHE B 159 4.79 1.98 -1.89
CA PHE B 159 5.14 2.85 -2.99
C PHE B 159 6.60 3.29 -2.89
N PRO B 160 7.27 3.48 -4.02
CA PRO B 160 8.63 4.02 -4.01
C PRO B 160 8.59 5.54 -3.94
N GLY B 161 9.77 6.11 -3.77
CA GLY B 161 9.95 7.54 -3.78
C GLY B 161 10.78 7.91 -2.58
N SER B 162 10.17 7.84 -1.42
CA SER B 162 10.91 7.98 -0.17
C SER B 162 11.52 6.64 0.24
N ARG B 163 12.64 6.70 0.94
CA ARG B 163 13.21 5.50 1.54
C ARG B 163 12.53 5.13 2.84
N ILE B 164 11.64 5.97 3.34
CA ILE B 164 10.83 5.69 4.53
C ILE B 164 9.43 5.28 4.06
N PRO B 165 8.91 4.15 4.51
CA PRO B 165 7.56 3.73 4.13
C PRO B 165 6.54 4.83 4.38
N PRO B 166 5.85 5.26 3.34
CA PRO B 166 4.90 6.37 3.51
C PRO B 166 3.59 5.98 4.16
N HIS B 167 3.10 4.76 3.90
CA HIS B 167 1.77 4.40 4.38
C HIS B 167 1.91 3.77 5.75
N ARG B 168 1.92 4.60 6.80
CA ARG B 168 2.21 4.08 8.12
C ARG B 168 0.91 4.02 8.96
N ALA B 169 1.04 4.20 10.27
CA ALA B 169 -0.02 3.87 11.20
C ALA B 169 -1.22 4.82 11.08
N ASP B 170 -0.96 6.13 11.06
CA ASP B 170 -2.08 7.05 10.85
C ASP B 170 -2.80 6.72 9.55
N THR B 171 -2.02 6.48 8.49
CA THR B 171 -2.61 6.27 7.18
C THR B 171 -3.42 4.99 7.16
N GLY B 172 -2.86 3.89 7.67
CA GLY B 172 -3.62 2.64 7.69
C GLY B 172 -4.90 2.76 8.50
N ALA B 173 -4.80 3.40 9.66
CA ALA B 173 -6.00 3.55 10.52
C ALA B 173 -7.09 4.36 9.81
N PHE B 174 -6.70 5.42 9.11
CA PHE B 174 -7.69 6.22 8.40
C PHE B 174 -8.28 5.44 7.25
N LEU B 175 -7.43 4.77 6.46
CA LEU B 175 -7.94 3.95 5.36
C LEU B 175 -9.00 2.98 5.85
N LEU B 176 -8.71 2.30 6.95
CA LEU B 176 -9.67 1.34 7.50
C LEU B 176 -10.93 2.03 7.99
N ALA B 177 -10.78 3.08 8.80
CA ALA B 177 -11.94 3.79 9.36
C ALA B 177 -12.84 4.33 8.25
N ASP B 178 -12.23 4.91 7.21
CA ASP B 178 -13.04 5.42 6.12
C ASP B 178 -13.64 4.30 5.27
N ALA B 179 -12.87 3.24 4.99
CA ALA B 179 -13.42 2.10 4.27
C ALA B 179 -14.65 1.55 4.99
N PHE B 180 -14.57 1.43 6.32
CA PHE B 180 -15.70 0.94 7.10
C PHE B 180 -16.84 1.95 7.21
N GLY B 181 -16.61 3.22 6.89
CA GLY B 181 -17.65 4.21 7.17
C GLY B 181 -17.89 4.38 8.65
N ALA B 182 -16.83 4.24 9.46
CA ALA B 182 -16.91 4.33 10.91
C ALA B 182 -17.39 5.71 11.33
N ALA B 183 -17.97 5.77 12.53
CA ALA B 183 -18.42 7.03 13.08
C ALA B 183 -17.27 7.98 13.36
N GLY B 184 -16.06 7.48 13.54
CA GLY B 184 -14.97 8.43 13.75
C GLY B 184 -13.63 7.72 13.74
N LEU B 185 -12.59 8.55 13.63
CA LEU B 185 -11.22 8.11 13.90
C LEU B 185 -10.60 9.15 14.81
N THR B 186 -10.11 8.69 15.95
CA THR B 186 -9.43 9.54 16.90
C THR B 186 -7.99 9.07 16.98
N ILE B 187 -7.08 10.01 16.82
CA ILE B 187 -5.66 9.70 16.83
C ILE B 187 -5.12 10.15 18.17
N VAL B 188 -4.54 9.21 18.91
CA VAL B 188 -4.08 9.44 20.27
C VAL B 188 -2.56 9.61 20.25
N GLU B 189 -2.10 10.83 20.51
CA GLU B 189 -0.73 11.29 20.32
C GLU B 189 -0.03 11.49 21.67
N ASN B 190 1.30 11.69 21.62
CA ASN B 190 2.01 12.12 22.82
C ASN B 190 2.15 13.65 22.94
N VAL B 191 1.38 14.41 22.15
CA VAL B 191 1.35 15.88 22.22
C VAL B 191 -0.11 16.30 22.12
N ASP B 192 -0.36 17.59 22.36
CA ASP B 192 -1.74 18.10 22.37
C ASP B 192 -2.41 18.03 21.02
N GLY B 193 -1.65 17.99 19.95
CA GLY B 193 -2.24 18.02 18.62
C GLY B 193 -1.16 18.48 17.65
N ILE B 194 -1.58 19.15 16.60
CA ILE B 194 -0.66 19.62 15.58
C ILE B 194 -0.28 21.05 15.90
N TYR B 195 1.02 21.35 15.82
CA TYR B 195 1.58 22.68 15.96
C TYR B 195 2.17 23.13 14.62
N THR B 196 2.48 24.42 14.53
CA THR B 196 3.11 24.98 13.34
C THR B 196 4.57 24.59 13.20
N ALA B 197 5.16 24.01 14.24
CA ALA B 197 6.51 23.47 14.21
C ALA B 197 6.55 22.31 15.19
N ASP B 198 7.60 21.49 15.10
CA ASP B 198 7.73 20.37 16.02
C ASP B 198 7.84 20.91 17.44
N PRO B 199 6.88 20.66 18.33
CA PRO B 199 6.98 21.24 19.67
C PRO B 199 8.06 20.59 20.53
N ASN B 200 8.71 19.54 20.05
CA ASN B 200 9.85 18.95 20.72
C ASN B 200 11.14 19.09 19.92
N GLY B 201 11.13 19.86 18.84
CA GLY B 201 12.26 19.94 17.93
C GLY B 201 13.02 21.25 18.03
N PRO B 202 13.90 21.51 17.06
CA PRO B 202 14.75 22.72 17.12
C PRO B 202 13.98 24.03 17.10
N ASP B 203 12.83 24.07 16.41
CA ASP B 203 12.02 25.28 16.29
C ASP B 203 10.86 25.28 17.28
N ARG B 204 10.89 24.37 18.25
CA ARG B 204 10.07 24.34 19.47
C ARG B 204 9.54 25.70 19.92
N GLY B 205 10.40 26.72 19.90
CA GLY B 205 10.02 28.02 20.47
C GLY B 205 8.93 28.73 19.72
N GLN B 206 8.86 28.56 18.40
CA GLN B 206 7.85 29.20 17.57
C GLN B 206 6.70 28.26 17.22
N ALA B 207 6.60 27.12 17.89
CA ALA B 207 5.55 26.17 17.63
C ALA B 207 4.25 26.66 18.24
N ARG B 208 3.26 26.93 17.40
CA ARG B 208 1.93 27.38 17.84
C ARG B 208 0.90 26.28 17.64
N PHE B 209 0.07 26.08 18.67
CA PHE B 209 -0.94 25.03 18.60
C PHE B 209 -2.01 25.36 17.57
N LEU B 210 -2.43 24.35 16.81
CA LEU B 210 -3.52 24.49 15.84
C LEU B 210 -4.76 23.76 16.35
N PRO B 211 -5.74 24.46 16.92
CA PRO B 211 -6.96 23.76 17.35
C PRO B 211 -7.70 23.10 16.20
N GLU B 212 -7.61 23.66 15.00
CA GLU B 212 -8.35 23.11 13.89
C GLU B 212 -7.60 23.39 12.60
N THR B 213 -7.65 22.43 11.69
CA THR B 213 -7.04 22.63 10.40
C THR B 213 -7.73 21.72 9.40
N SER B 214 -7.47 21.96 8.13
CA SER B 214 -7.92 21.09 7.06
C SER B 214 -6.72 20.28 6.57
N ALA B 215 -7.01 19.09 6.06
CA ALA B 215 -5.96 18.27 5.47
C ALA B 215 -5.29 19.00 4.31
N THR B 216 -6.07 19.71 3.49
CA THR B 216 -5.49 20.40 2.34
C THR B 216 -4.54 21.50 2.80
N ASP B 217 -4.88 22.20 3.88
CA ASP B 217 -3.97 23.21 4.40
C ASP B 217 -2.67 22.57 4.91
N LEU B 218 -2.80 21.48 5.65
CA LEU B 218 -1.61 20.78 6.13
C LEU B 218 -0.77 20.27 4.98
N ALA B 219 -1.41 19.79 3.91
CA ALA B 219 -0.65 19.21 2.81
C ALA B 219 0.17 20.26 2.07
N LYS B 220 -0.28 21.51 2.07
CA LYS B 220 0.44 22.59 1.39
C LYS B 220 1.62 23.09 2.19
N SER B 221 1.74 22.71 3.45
CA SER B 221 2.84 23.14 4.30
C SER B 221 3.98 22.15 4.22
N GLU B 222 5.19 22.66 4.21
CA GLU B 222 6.35 21.83 4.45
C GLU B 222 6.67 21.86 5.94
N GLY B 223 7.38 20.85 6.39
CA GLY B 223 7.74 20.78 7.78
C GLY B 223 7.14 19.55 8.39
N PRO B 224 7.61 19.17 9.58
CA PRO B 224 7.13 17.93 10.19
C PRO B 224 5.72 18.09 10.78
N LEU B 225 5.04 16.95 10.86
CA LEU B 225 3.72 16.81 11.44
C LEU B 225 3.74 15.64 12.40
N PRO B 226 2.79 15.57 13.34
CA PRO B 226 2.63 14.36 14.15
C PRO B 226 1.87 13.25 13.43
N VAL B 227 1.45 13.48 12.19
CA VAL B 227 0.70 12.50 11.42
C VAL B 227 1.40 12.32 10.08
N ASP B 228 1.29 11.10 9.54
CA ASP B 228 1.85 10.78 8.22
C ASP B 228 1.44 11.80 7.20
N ARG B 229 2.35 12.16 6.30
CA ARG B 229 1.91 12.98 5.19
C ARG B 229 0.89 12.25 4.33
N ALA B 230 1.01 10.92 4.25
CA ALA B 230 0.08 10.16 3.42
C ALA B 230 -1.32 10.17 4.00
N LEU B 231 -1.45 10.44 5.29
CA LEU B 231 -2.78 10.60 5.88
C LEU B 231 -3.56 11.70 5.17
N LEU B 232 -2.90 12.84 4.92
CA LEU B 232 -3.52 13.95 4.21
C LEU B 232 -3.96 13.54 2.81
N ASP B 233 -3.16 12.70 2.14
CA ASP B 233 -3.53 12.25 0.80
C ASP B 233 -4.77 11.36 0.84
N VAL B 234 -4.81 10.40 1.77
CA VAL B 234 -5.98 9.54 1.82
C VAL B 234 -7.20 10.30 2.36
N MET B 235 -7.01 11.37 3.13
CA MET B 235 -8.14 12.21 3.50
C MET B 235 -8.75 12.89 2.30
N ALA B 236 -7.93 13.22 1.30
CA ALA B 236 -8.45 13.92 0.13
C ALA B 236 -9.40 13.03 -0.67
N THR B 237 -9.16 11.71 -0.68
CA THR B 237 -10.04 10.78 -1.40
C THR B 237 -11.06 10.10 -0.48
N ALA B 238 -11.17 10.55 0.77
CA ALA B 238 -12.04 9.90 1.74
C ALA B 238 -13.49 10.00 1.29
N ARG B 239 -14.29 9.02 1.73
CA ARG B 239 -15.70 9.00 1.37
C ARG B 239 -16.64 9.29 2.53
N HIS B 240 -16.19 9.10 3.78
CA HIS B 240 -17.10 9.20 4.92
C HIS B 240 -16.60 10.07 6.06
N ILE B 241 -15.37 9.83 6.53
CA ILE B 241 -14.89 10.51 7.72
C ILE B 241 -14.69 11.99 7.40
N GLU B 242 -15.38 12.86 8.14
CA GLU B 242 -15.33 14.30 7.89
C GLU B 242 -14.26 14.99 8.70
N ARG B 243 -13.88 14.41 9.83
CA ARG B 243 -12.95 15.04 10.75
C ARG B 243 -12.27 13.97 11.55
N VAL B 244 -11.00 14.20 11.86
CA VAL B 244 -10.20 13.31 12.70
C VAL B 244 -9.58 14.19 13.77
N GLN B 245 -9.73 13.80 15.03
CA GLN B 245 -9.15 14.62 16.08
C GLN B 245 -7.88 13.96 16.58
N VAL B 246 -6.82 14.75 16.71
CA VAL B 246 -5.57 14.33 17.31
C VAL B 246 -5.56 14.86 18.73
N VAL B 247 -5.46 13.96 19.70
CA VAL B 247 -5.56 14.38 21.09
C VAL B 247 -4.40 13.77 21.86
N ASN B 248 -4.13 14.36 23.01
CA ASN B 248 -3.03 13.93 23.84
C ASN B 248 -3.47 12.78 24.73
N GLY B 249 -3.04 11.57 24.39
CA GLY B 249 -3.29 10.42 25.23
C GLY B 249 -2.57 10.45 26.57
N LEU B 250 -1.65 11.39 26.77
CA LEU B 250 -1.01 11.51 28.06
C LEU B 250 -1.87 12.29 29.05
N VAL B 251 -2.98 12.85 28.61
CA VAL B 251 -3.89 13.58 29.48
C VAL B 251 -5.14 12.72 29.65
N PRO B 252 -5.33 12.07 30.80
CA PRO B 252 -6.53 11.23 30.98
C PRO B 252 -7.79 12.03 30.75
N GLY B 253 -8.72 11.43 30.04
CA GLY B 253 -10.00 12.05 29.80
C GLY B 253 -10.13 12.65 28.41
N ARG B 254 -9.01 12.95 27.75
CA ARG B 254 -9.10 13.56 26.43
C ARG B 254 -9.61 12.58 25.39
N LEU B 255 -9.18 11.32 25.43
CA LEU B 255 -9.73 10.35 24.51
C LEU B 255 -11.23 10.20 24.74
N THR B 256 -11.66 10.11 26.00
CA THR B 256 -13.07 9.98 26.31
C THR B 256 -13.86 11.17 25.76
N ALA B 257 -13.33 12.37 25.96
CA ALA B 257 -14.01 13.58 25.47
C ALA B 257 -14.05 13.59 23.94
N ALA B 258 -12.94 13.21 23.31
CA ALA B 258 -12.86 13.19 21.86
C ALA B 258 -13.85 12.21 21.24
N LEU B 259 -14.04 11.05 21.87
CA LEU B 259 -14.98 10.11 21.33
C LEU B 259 -16.42 10.61 21.47
N ARG B 260 -16.67 11.61 22.33
CA ARG B 260 -17.97 12.25 22.40
C ARG B 260 -18.03 13.52 21.56
N GLY B 261 -17.02 13.77 20.73
CA GLY B 261 -16.96 14.92 19.87
C GLY B 261 -16.54 16.21 20.54
N GLU B 262 -16.13 16.18 21.81
CA GLU B 262 -15.64 17.39 22.46
C GLU B 262 -14.27 17.74 21.89
N HIS B 263 -14.02 19.05 21.80
CA HIS B 263 -12.83 19.57 21.09
C HIS B 263 -11.72 19.76 22.11
N VAL B 264 -10.82 18.79 22.19
CA VAL B 264 -9.76 18.78 23.21
C VAL B 264 -8.38 18.64 22.58
N GLY B 265 -8.29 18.59 21.27
CA GLY B 265 -7.03 18.50 20.55
C GLY B 265 -7.17 19.24 19.22
N THR B 266 -6.45 18.77 18.21
CA THR B 266 -6.52 19.35 16.88
C THR B 266 -7.53 18.58 16.05
N LEU B 267 -8.53 19.29 15.53
CA LEU B 267 -9.48 18.73 14.57
C LEU B 267 -8.91 18.87 13.17
N ILE B 268 -8.80 17.77 12.44
CA ILE B 268 -8.40 17.80 11.04
C ILE B 268 -9.64 17.59 10.18
N ARG B 269 -10.03 18.58 9.41
CA ARG B 269 -11.15 18.39 8.49
C ARG B 269 -10.62 17.72 7.23
N THR B 270 -11.27 16.62 6.85
CA THR B 270 -10.81 15.84 5.71
C THR B 270 -11.23 16.42 4.38
N GLY B 271 -12.24 17.27 4.35
CA GLY B 271 -12.79 17.65 3.07
C GLY B 271 -13.91 16.76 2.54
N VAL B 272 -14.29 15.71 3.27
CA VAL B 272 -15.61 15.12 3.04
C VAL B 272 -16.67 16.10 3.55
N ARG B 273 -17.70 16.38 2.70
CA ARG B 273 -18.71 17.32 3.20
C ARG B 273 -19.88 16.60 3.85
N PRO B 274 -20.46 17.17 4.91
CA PRO B 274 -21.68 16.59 5.49
C PRO B 274 -22.87 16.86 4.58
N ALA B 275 -23.95 16.11 4.82
CA ALA B 275 -25.15 16.26 4.01
C ALA B 275 -25.78 17.63 4.23
PG ATP C . -6.03 -7.18 -16.67
O1G ATP C . -4.71 -7.92 -16.60
O2G ATP C . -7.14 -8.03 -17.24
O3G ATP C . -6.35 -6.23 -15.54
PB ATP C . -4.70 -6.40 -19.03
O1B ATP C . -3.31 -6.18 -18.48
O2B ATP C . -5.07 -7.67 -19.74
O3B ATP C . -5.77 -6.12 -17.85
PA ATP C . -6.21 -4.45 -20.46
O1A ATP C . -6.96 -5.21 -21.54
O2A ATP C . -6.92 -4.05 -19.19
O3A ATP C . -4.88 -5.27 -20.14
O5' ATP C . -5.53 -3.15 -21.10
C5' ATP C . -4.95 -3.23 -22.40
C4' ATP C . -5.92 -2.49 -23.29
O4' ATP C . -5.73 -1.09 -23.23
C3' ATP C . -5.78 -2.85 -24.76
O3' ATP C . -6.61 -3.98 -25.09
C2' ATP C . -6.28 -1.60 -25.46
O2' ATP C . -7.59 -1.84 -26.00
C1' ATP C . -6.41 -0.56 -24.36
N9 ATP C . -5.86 0.74 -24.80
C8 ATP C . -6.48 1.91 -24.52
N7 ATP C . -5.81 2.96 -25.06
C5 ATP C . -4.73 2.45 -25.70
C6 ATP C . -3.64 3.06 -26.48
N6 ATP C . -3.58 4.41 -26.63
N1 ATP C . -2.71 2.20 -27.00
C2 ATP C . -2.79 0.86 -26.83
N3 ATP C . -3.77 0.25 -26.13
C4 ATP C . -4.78 0.98 -25.55
O11 FUQ D . -7.84 -12.43 2.93
O12 FUQ D . -6.82 -14.87 4.27
O13 FUQ D . -5.02 -12.65 3.09
O14 FUQ D . -8.06 -14.82 1.75
O15 FUQ D . -5.44 -15.03 1.90
O21 FUQ D . -8.59 -12.79 -2.46
O22 FUQ D . -8.98 -12.40 0.10
O23 FUQ D . -7.44 -10.99 -0.72
O24 FUQ D . -8.29 -14.63 -0.82
O25 FUQ D . -6.49 -13.29 0.76
O31 FUQ D . -6.45 -13.08 -3.82
O32 FUQ D . -6.52 -15.65 -3.39
O33 FUQ D . -4.41 -12.95 -2.25
O35 FUQ D . -6.40 -14.05 -1.55
O41 FUQ D . -3.84 -15.22 3.89
O42 FUQ D . -2.30 -16.75 2.18
O43 FUQ D . -4.89 -17.39 3.01
O44 FUQ D . -3.13 -14.38 1.53
O45 FUQ D . -4.31 -16.62 0.53
O51 FUQ D . -2.60 -18.06 -0.79
O52 FUQ D . -3.14 -16.70 -2.96
O53 FUQ D . -5.12 -18.06 -1.73
O54 FUQ D . -2.20 -15.51 -0.81
O55 FUQ D . -4.81 -15.26 -1.61
MO1 FUQ D . -6.66 -13.87 2.55
MO2 FUQ D . -7.46 -12.88 -0.93
MO3 FUQ D . -5.40 -14.23 -2.80
MO4 FUQ D . -3.93 -15.99 2.16
MO5 FUQ D . -3.85 -16.72 -1.29
O1 GWW E . 4.03 -22.39 2.67
O3 GWW E . 5.93 -19.78 0.94
O4 GWW E . 5.75 -19.30 3.19
O5 GWW E . 6.48 -21.45 3.08
O6 GWW E . 3.42 -19.64 2.06
MO1 GWW E . 4.88 -20.84 2.25
P PO4 F . 18.90 -14.50 -25.16
O1 PO4 F . 19.13 -14.78 -26.63
O2 PO4 F . 19.39 -13.11 -24.82
O3 PO4 F . 19.66 -15.52 -24.34
O4 PO4 F . 17.43 -14.60 -24.86
P PO4 G . 16.32 1.13 -23.62
O1 PO4 G . 16.66 1.23 -25.08
O2 PO4 G . 17.57 0.95 -22.81
O3 PO4 G . 15.39 -0.04 -23.41
O4 PO4 G . 15.65 2.42 -23.17
O11 FUQ H . 5.52 -8.37 3.31
O12 FUQ H . 7.19 -10.25 4.28
O13 FUQ H . 7.71 -9.12 1.75
O14 FUQ H . 4.46 -10.80 3.33
O15 FUQ H . 6.23 -11.31 1.72
O21 FUQ H . 2.23 -8.23 -0.57
O22 FUQ H . 3.84 -7.36 1.25
O23 FUQ H . 4.80 -7.35 -0.82
O24 FUQ H . 2.86 -9.46 1.49
O25 FUQ H . 5.21 -9.39 1.09
O31 FUQ H . 3.07 -11.62 -3.86
O32 FUQ H . 2.51 -9.71 -2.51
O33 FUQ H . 1.51 -11.85 -1.58
O34 FUQ H . 4.73 -10.52 -2.42
O35 FUQ H . 3.55 -10.61 -0.34
O41 FUQ H . 7.79 -12.58 3.55
O42 FUQ H . 7.60 -14.56 1.75
O43 FUQ H . 5.45 -13.39 3.06
O44 FUQ H . 8.30 -12.10 0.94
O45 FUQ H . 5.77 -13.16 0.58
O51 FUQ H . 7.39 -14.65 -0.83
O52 FUQ H . 5.81 -14.83 -2.68
O53 FUQ H . 4.60 -15.26 -0.33
O54 FUQ H . 6.58 -12.27 -1.53
O55 FUQ H . 4.14 -12.85 -1.25
MO1 FUQ H . 5.95 -9.86 2.63
MO2 FUQ H . 3.92 -8.77 0.07
MO3 FUQ H . 3.25 -11.30 -2.11
MO4 FUQ H . 6.89 -12.91 1.92
MO5 FUQ H . 5.69 -13.87 -1.03
PG ATP I . 3.47 5.99 14.99
O1G ATP I . 4.49 4.90 14.90
O2G ATP I . 2.16 5.58 15.64
O3G ATP I . 3.32 6.81 13.73
PB ATP I . 3.48 8.22 16.87
O1B ATP I . 2.34 8.83 16.10
O2B ATP I . 3.33 7.81 18.30
O3B ATP I . 4.17 6.97 16.07
PA ATP I . 5.13 10.34 15.86
O1A ATP I . 6.17 9.68 15.01
O2A ATP I . 3.95 10.98 15.22
O3A ATP I . 4.75 9.21 16.94
O5' ATP I . 5.83 11.39 16.81
C5' ATP I . 5.05 12.28 17.62
C4' ATP I . 5.95 13.50 17.64
O4' ATP I . 5.85 14.16 16.38
C3' ATP I . 5.58 14.58 18.64
O3' ATP I . 5.94 14.19 19.96
C2' ATP I . 6.35 15.76 18.05
O2' ATP I . 7.65 15.85 18.64
C1' ATP I . 6.54 15.39 16.58
N9 ATP I . 6.10 16.47 15.68
C8 ATP I . 6.78 16.83 14.56
N7 ATP I . 6.14 17.86 13.94
C5 ATP I . 5.07 18.18 14.71
C6 ATP I . 3.99 19.18 14.63
N6 ATP I . 3.96 20.05 13.60
N1 ATP I . 3.04 19.20 15.60
C2 ATP I . 3.06 18.31 16.63
N3 ATP I . 4.02 17.38 16.77
C4 ATP I . 5.03 17.26 15.85
MG MG J . 1.97 10.51 15.10
O3 GWN K . 2.12 -10.72 13.66
O1 GWN K . 1.63 -8.61 15.71
O11 GWN K . -0.81 -9.35 9.84
O12 GWN K . -2.20 -7.92 12.15
O13 GWN K . 4.26 -6.52 8.05
O14 GWN K . 2.75 -9.00 7.75
O15 GWN K . 5.64 -8.23 9.32
O16 GWN K . 1.35 -10.59 9.44
O17 GWN K . 4.49 -11.19 7.75
O18 GWN K . -2.19 -11.79 9.81
O19 GWN K . -0.57 -10.43 7.92
O2 GWN K . 3.71 -8.57 13.73
O20 GWN K . 3.05 -12.50 8.98
O22 GWN K . 3.45 -9.88 9.82
O24 GWN K . 1.88 -6.79 13.47
O25 GWN K . 1.75 -7.38 9.60
O26 GWN K . -0.45 -10.86 11.79
O27 GWN K . 0.75 -11.79 15.41
O29 GWN K . 1.69 -11.32 6.56
O33 GWN K . -1.30 -12.06 14.39
O34 GWN K . 0.18 -13.16 10.23
O36 GWN K . -0.48 -7.74 7.86
O4 GWN K . -0.07 -9.64 13.61
O5 GWN K . 1.42 -8.76 11.84
O6 GWN K . 3.86 -6.72 11.03
O7 GWN K . -0.13 -6.90 11.50
O8 GWN K . 1.28 -5.08 11.37
O9 GWN K . 0.76 -13.27 12.88
MO1 GWN K . 1.87 -8.73 13.88
MO2 GWN K . 1.84 -6.79 11.51
MO3 GWN K . 0.31 -11.68 13.59
MO4 GWN K . -0.70 -8.78 11.74
MO5 GWN K . 3.90 -7.80 9.22
MO6 GWN K . -0.46 -11.33 9.74
MO7 GWN K . 0.65 -8.95 8.53
MO8 GWN K . 2.72 -10.86 8.20
MO MOO L . -11.03 -14.70 15.69
O1 MOO L . -9.49 -14.00 15.23
O2 MOO L . -11.50 -15.00 13.73
O3 MOO L . -11.23 -14.13 17.36
O4 MOO L . -13.08 -15.85 15.93
#